data_4RN6
#
_entry.id   4RN6
#
_cell.length_a   43.919
_cell.length_b   81.840
_cell.length_c   77.761
_cell.angle_alpha   90.00
_cell.angle_beta   100.62
_cell.angle_gamma   90.00
#
_symmetry.space_group_name_H-M   'P 1 21 1'
#
loop_
_entity.id
_entity.type
_entity.pdbx_description
1 polymer 'Thrombin heavy chain'
2 non-polymer '(2R,4R)-4-methyl-1-(N~2~-{[(3S)-3-methyl-1,2,3,4-tetrahydroquinolin-8-yl]sulfonyl}-L-arginyl)piperidine-2-carboxylic acid'
#
_entity_poly.entity_id   1
_entity_poly.type   'polypeptide(L)'
_entity_poly.pdbx_seq_one_letter_code
;EADCGLRPLFEKKSLEDKTERELLESYIDGRIVEGSDAEIGMSPWQVMLFRKSPQELLCGASLISDRWVLTAAHCLLYPP
WDKNFTENDLLVRIGKHSRTRYERNIEKISMLEKIYIHPRYNWRENLDRDIALMKLKKPVAFSDYIHPVCLPDRETAASL
LQAGYKGRVTGWGNLKETWTANVGKGQPSVLQVVNLPIVERPVCKDSTRIRITDNMFCAGYKPDEGKRGDACEGDAGGPF
VMKSPFNNRWYQMGIVSWGEGCDRDGKYGFYTHVFRLKKWIQKVIDQFGE
;
_entity_poly.pdbx_strand_id   A,B
#
loop_
_chem_comp.id
_chem_comp.type
_chem_comp.name
_chem_comp.formula
15U peptide-like '(2R,4R)-4-methyl-1-(N~2~-{[(3S)-3-methyl-1,2,3,4-tetrahydroquinolin-8-yl]sulfonyl}-L-arginyl)piperidine-2-carboxylic acid' 'C23 H36 N6 O5 S'
#
# COMPACT_ATOMS: atom_id res chain seq x y z
N GLU A 1 -2.68 6.83 20.54
CA GLU A 1 -3.62 6.00 21.35
C GLU A 1 -3.89 6.65 22.71
N ALA A 2 -5.17 6.75 23.09
CA ALA A 2 -5.55 7.40 24.34
C ALA A 2 -5.27 6.57 25.59
N ASP A 3 -4.95 5.29 25.39
CA ASP A 3 -4.92 4.32 26.49
C ASP A 3 -3.55 3.66 26.70
N CYS A 4 -2.62 3.91 25.79
CA CYS A 4 -1.38 3.14 25.70
C CYS A 4 -0.40 3.29 26.87
N GLY A 5 0.68 2.53 26.82
CA GLY A 5 1.80 2.69 27.75
C GLY A 5 1.61 2.11 29.13
N LEU A 6 0.43 1.58 29.40
CA LEU A 6 0.09 1.07 30.72
C LEU A 6 -0.36 -0.38 30.67
N ARG A 7 0.52 -1.27 31.14
CA ARG A 7 0.27 -2.70 31.12
C ARG A 7 -0.87 -3.04 32.06
N PRO A 8 -1.87 -3.77 31.54
CA PRO A 8 -2.99 -4.22 32.36
C PRO A 8 -2.51 -4.93 33.64
N LEU A 9 -1.52 -5.82 33.51
CA LEU A 9 -1.09 -6.65 34.63
C LEU A 9 -0.03 -6.00 35.53
N PHE A 10 0.35 -4.76 35.23
CA PHE A 10 1.42 -4.13 35.99
C PHE A 10 1.06 -2.72 36.45
N GLU A 11 1.25 -1.75 35.58
CA GLU A 11 0.99 -0.35 35.88
C GLU A 11 -0.47 -0.11 36.31
N LYS A 12 -1.42 -0.73 35.62
CA LYS A 12 -2.82 -0.66 35.97
C LYS A 12 -3.10 -1.34 37.31
N LYS A 13 -2.16 -2.16 37.78
CA LYS A 13 -2.40 -2.99 38.97
C LYS A 13 -1.43 -2.72 40.11
N SER A 14 -0.75 -1.58 40.06
CA SER A 14 0.17 -1.15 41.13
C SER A 14 1.47 -1.97 41.24
N LEU A 15 1.47 -3.20 40.73
CA LEU A 15 2.66 -4.03 40.73
C LEU A 15 3.65 -3.59 39.66
N GLU A 16 4.91 -3.96 39.84
CA GLU A 16 6.00 -3.53 38.98
C GLU A 16 6.95 -4.68 38.74
N ASP A 17 7.27 -4.92 37.47
CA ASP A 17 8.13 -6.05 37.08
C ASP A 17 9.52 -5.98 37.71
N LYS A 18 10.14 -7.15 37.90
CA LYS A 18 11.34 -7.25 38.72
C LYS A 18 12.43 -6.28 38.30
N THR A 19 12.75 -6.24 37.02
CA THR A 19 13.91 -5.50 36.53
C THR A 19 13.64 -4.05 36.04
N GLU A 20 12.42 -3.55 36.24
CA GLU A 20 12.06 -2.23 35.70
C GLU A 20 12.73 -1.04 36.39
N ARG A 21 12.88 -1.10 37.72
CA ARG A 21 13.47 0.03 38.46
C ARG A 21 14.95 0.27 38.16
N GLU A 22 15.55 -0.58 37.34
CA GLU A 22 16.89 -0.36 36.80
C GLU A 22 16.81 0.33 35.44
N LEU A 23 15.59 0.55 34.97
CA LEU A 23 15.37 1.30 33.74
C LEU A 23 15.13 2.78 34.02
N LEU A 24 14.27 3.08 35.00
CA LEU A 24 13.98 4.45 35.42
C LEU A 24 15.24 5.14 35.95
N GLU A 25 16.00 4.40 36.76
CA GLU A 25 17.25 4.89 37.32
C GLU A 25 18.39 4.90 36.31
N SER A 26 18.21 4.14 35.22
CA SER A 26 19.23 3.98 34.18
C SER A 26 20.56 3.64 34.85
N TYR A 27 20.45 3.06 36.05
CA TYR A 27 21.57 2.70 36.90
C TYR A 27 21.98 1.23 36.66
N ILE A 28 23.22 1.06 36.20
CA ILE A 28 23.78 -0.27 35.88
C ILE A 28 24.16 -1.01 37.18
N ASP A 29 24.01 -2.33 37.18
CA ASP A 29 24.21 -3.14 38.40
C ASP A 29 25.46 -4.04 38.36
N GLY A 30 25.76 -4.67 39.48
CA GLY A 30 26.86 -5.63 39.57
C GLY A 30 26.42 -7.05 39.23
N ARG A 31 26.19 -7.30 37.94
CA ARG A 31 25.74 -8.60 37.45
C ARG A 31 26.33 -8.88 36.07
N ILE A 32 26.71 -10.15 35.83
CA ILE A 32 27.25 -10.57 34.53
C ILE A 32 26.10 -10.87 33.55
N VAL A 33 25.09 -11.56 34.07
CA VAL A 33 23.85 -11.89 33.35
C VAL A 33 23.07 -10.60 32.99
N GLU A 34 22.20 -10.68 31.98
CA GLU A 34 21.39 -9.53 31.57
C GLU A 34 19.95 -9.94 31.22
N GLY A 35 19.83 -10.94 30.34
CA GLY A 35 18.53 -11.39 29.87
C GLY A 35 18.15 -12.77 30.35
N SER A 36 16.87 -12.95 30.66
CA SER A 36 16.32 -14.25 31.03
C SER A 36 14.85 -14.34 30.62
N ASP A 37 14.15 -15.34 31.16
CA ASP A 37 12.71 -15.48 30.99
C ASP A 37 12.01 -14.17 31.33
N ALA A 38 11.07 -13.77 30.48
CA ALA A 38 10.22 -12.61 30.76
C ALA A 38 8.90 -13.06 31.37
N GLU A 39 8.43 -12.32 32.37
CA GLU A 39 7.22 -12.71 33.10
C GLU A 39 5.94 -12.54 32.30
N ILE A 40 4.84 -13.06 32.86
CA ILE A 40 3.57 -13.16 32.16
C ILE A 40 2.92 -11.79 31.96
N GLY A 41 2.82 -11.37 30.70
CA GLY A 41 2.18 -10.11 30.34
C GLY A 41 3.07 -8.89 30.49
N MET A 42 4.37 -9.13 30.59
CA MET A 42 5.36 -8.07 30.79
C MET A 42 5.51 -7.17 29.56
N SER A 43 5.04 -7.64 28.41
CA SER A 43 5.05 -6.82 27.21
C SER A 43 3.87 -7.18 26.29
N PRO A 44 2.69 -6.56 26.53
CA PRO A 44 1.45 -6.87 25.83
C PRO A 44 1.30 -6.24 24.43
N TRP A 45 2.38 -5.65 23.92
CA TRP A 45 2.39 -5.09 22.57
C TRP A 45 3.23 -5.95 21.63
N GLN A 46 3.90 -6.94 22.21
CA GLN A 46 4.73 -7.86 21.46
C GLN A 46 3.88 -8.63 20.45
N VAL A 47 4.30 -8.59 19.18
CA VAL A 47 3.56 -9.23 18.10
C VAL A 47 4.45 -10.18 17.31
N MET A 48 3.97 -11.40 17.09
CA MET A 48 4.69 -12.44 16.35
C MET A 48 4.36 -12.46 14.85
N LEU A 49 5.22 -11.87 14.04
CA LEU A 49 5.02 -11.83 12.58
C LEU A 49 5.41 -13.16 11.92
N PHE A 50 4.45 -13.78 11.24
CA PHE A 50 4.64 -15.11 10.66
C PHE A 50 4.61 -15.15 9.13
N ARG A 51 5.45 -16.02 8.58
CA ARG A 51 5.35 -16.43 7.18
C ARG A 51 4.28 -17.52 7.07
N LYS A 52 3.63 -17.59 5.91
CA LYS A 52 2.51 -18.52 5.69
C LYS A 52 2.93 -19.88 5.13
N SER A 53 3.62 -19.87 3.99
CA SER A 53 3.90 -21.08 3.25
C SER A 53 5.38 -21.19 2.86
N PRO A 54 6.18 -21.95 3.63
CA PRO A 54 5.78 -22.70 4.84
C PRO A 54 5.60 -21.84 6.10
N GLN A 55 5.07 -22.45 7.15
CA GLN A 55 4.85 -21.77 8.42
C GLN A 55 6.18 -21.51 9.11
N GLU A 56 6.46 -20.23 9.42
CA GLU A 56 7.63 -19.86 10.23
C GLU A 56 7.62 -18.42 10.72
N LEU A 57 8.28 -18.21 11.87
CA LEU A 57 8.44 -16.90 12.47
C LEU A 57 9.43 -16.06 11.68
N LEU A 58 9.03 -14.83 11.39
CA LEU A 58 9.89 -13.88 10.69
C LEU A 58 10.48 -12.87 11.66
N CYS A 59 9.64 -11.96 12.11
CA CYS A 59 10.06 -10.85 12.94
C CYS A 59 9.19 -10.69 14.18
N GLY A 60 9.66 -9.85 15.09
CA GLY A 60 8.82 -9.35 16.17
C GLY A 60 8.21 -8.06 15.67
N ALA A 61 7.31 -7.48 16.46
CA ALA A 61 6.66 -6.23 16.07
C ALA A 61 6.00 -5.56 17.27
N SER A 62 5.00 -4.73 17.01
CA SER A 62 4.28 -4.04 18.06
C SER A 62 2.88 -3.62 17.66
N LEU A 63 1.93 -3.90 18.54
CA LEU A 63 0.57 -3.40 18.41
C LEU A 63 0.58 -1.98 18.93
N ILE A 64 0.07 -1.05 18.13
CA ILE A 64 -0.04 0.35 18.55
C ILE A 64 -1.49 0.83 18.64
N SER A 65 -2.35 0.19 17.84
CA SER A 65 -3.80 0.32 17.96
C SER A 65 -4.44 -1.02 17.66
N ASP A 66 -5.77 -1.11 17.74
CA ASP A 66 -6.47 -2.36 17.46
C ASP A 66 -6.58 -2.61 15.94
N ARG A 67 -5.52 -2.25 15.22
CA ARG A 67 -5.56 -2.17 13.76
C ARG A 67 -4.16 -2.15 13.17
N TRP A 68 -3.24 -1.52 13.90
CA TRP A 68 -1.92 -1.25 13.35
C TRP A 68 -0.78 -1.96 14.07
N VAL A 69 -0.01 -2.73 13.30
CA VAL A 69 1.23 -3.33 13.77
C VAL A 69 2.42 -2.60 13.13
N LEU A 70 3.46 -2.38 13.93
CA LEU A 70 4.59 -1.55 13.55
C LEU A 70 5.83 -2.41 13.47
N THR A 71 6.57 -2.34 12.36
CA THR A 71 7.76 -3.17 12.22
C THR A 71 8.82 -2.65 11.24
N ALA A 72 9.97 -3.33 11.21
CA ALA A 72 11.07 -3.03 10.29
C ALA A 72 10.71 -3.46 8.88
N ALA A 73 10.85 -2.54 7.93
CA ALA A 73 10.56 -2.82 6.53
C ALA A 73 11.29 -4.06 6.01
N HIS A 74 12.55 -4.22 6.41
CA HIS A 74 13.35 -5.36 5.98
C HIS A 74 12.61 -6.71 6.09
N CYS A 75 11.75 -6.84 7.10
CA CYS A 75 11.00 -8.07 7.34
C CYS A 75 10.09 -8.41 6.16
N LEU A 76 9.66 -7.38 5.45
CA LEU A 76 8.70 -7.53 4.37
C LEU A 76 9.33 -7.36 3.00
N LEU A 77 10.41 -6.59 2.93
CA LEU A 77 11.03 -6.25 1.66
C LEU A 77 12.55 -6.19 1.75
N TYR A 78 13.22 -7.00 0.93
CA TYR A 78 14.67 -6.92 0.78
C TYR A 78 15.15 -7.50 -0.57
N PRO A 79 15.11 -6.66 -1.63
CA PRO A 79 15.43 -7.01 -3.01
C PRO A 79 16.82 -7.59 -3.31
N PRO A 80 17.84 -7.28 -2.50
CA PRO A 80 19.07 -8.06 -2.65
C PRO A 80 18.88 -9.56 -2.45
N TRP A 81 17.82 -9.95 -1.73
CA TRP A 81 17.47 -11.36 -1.54
C TRP A 81 16.14 -11.70 -2.18
N ASP A 82 15.65 -10.81 -3.04
CA ASP A 82 14.28 -10.87 -3.60
C ASP A 82 13.25 -11.36 -2.57
N LYS A 83 13.19 -10.61 -1.47
CA LYS A 83 12.28 -10.89 -0.38
C LYS A 83 11.20 -9.84 -0.44
N ASN A 84 10.07 -10.18 -1.06
CA ASN A 84 8.94 -9.26 -1.16
C ASN A 84 7.64 -9.95 -0.75
N PHE A 85 7.38 -9.97 0.55
CA PHE A 85 6.17 -10.61 1.06
C PHE A 85 4.94 -9.74 0.88
N THR A 86 3.88 -10.31 0.30
CA THR A 86 2.62 -9.60 0.09
C THR A 86 1.68 -9.87 1.27
N GLU A 87 0.60 -9.10 1.35
CA GLU A 87 -0.39 -9.21 2.42
C GLU A 87 -0.75 -10.64 2.85
N ASN A 88 -0.93 -11.52 1.86
CA ASN A 88 -1.35 -12.90 2.11
C ASN A 88 -0.21 -13.92 2.12
N ASP A 89 1.02 -13.45 2.33
CA ASP A 89 2.17 -14.33 2.54
C ASP A 89 2.53 -14.37 4.02
N LEU A 90 1.73 -13.67 4.83
CA LEU A 90 2.05 -13.36 6.22
C LEU A 90 0.83 -13.31 7.13
N LEU A 91 1.05 -13.55 8.43
CA LEU A 91 0.02 -13.46 9.47
C LEU A 91 0.65 -13.12 10.83
N VAL A 92 -0.20 -12.79 11.80
CA VAL A 92 0.29 -12.42 13.14
C VAL A 92 -0.44 -13.10 14.31
N ARG A 93 0.34 -13.49 15.32
CA ARG A 93 -0.18 -14.01 16.58
C ARG A 93 0.19 -13.04 17.70
N ILE A 94 -0.79 -12.71 18.55
CA ILE A 94 -0.55 -11.79 19.65
C ILE A 94 -1.01 -12.40 20.97
N GLY A 95 -0.36 -12.01 22.06
CA GLY A 95 -0.67 -12.54 23.38
C GLY A 95 0.01 -13.88 23.65
N LYS A 96 1.03 -14.17 22.85
CA LYS A 96 1.83 -15.38 23.00
C LYS A 96 3.01 -15.19 23.93
N HIS A 97 3.10 -16.07 24.92
CA HIS A 97 4.23 -16.09 25.84
C HIS A 97 5.11 -17.29 25.50
N SER A 98 4.48 -18.46 25.38
CA SER A 98 5.18 -19.69 25.02
C SER A 98 5.19 -19.87 23.50
N ARG A 99 6.39 -20.03 22.95
CA ARG A 99 6.61 -20.17 21.50
C ARG A 99 5.84 -21.37 20.89
N THR A 100 5.84 -22.49 21.60
CA THR A 100 5.08 -23.66 21.18
C THR A 100 4.09 -24.12 22.26
N ARG A 101 3.01 -23.36 22.41
CA ARG A 101 1.91 -23.71 23.31
C ARG A 101 0.72 -22.79 23.08
N TYR A 102 -0.39 -23.35 22.64
CA TYR A 102 -1.61 -22.58 22.44
C TYR A 102 -2.29 -22.31 23.79
N GLU A 103 -2.33 -21.04 24.18
CA GLU A 103 -3.06 -20.63 25.38
C GLU A 103 -4.51 -20.33 25.03
N ARG A 104 -5.41 -21.17 25.55
CA ARG A 104 -6.83 -21.11 25.22
C ARG A 104 -7.48 -19.78 25.62
N ASN A 105 -8.29 -19.25 24.71
CA ASN A 105 -9.02 -17.98 24.87
C ASN A 105 -8.11 -16.75 25.02
N ILE A 106 -6.80 -17.00 24.99
CA ILE A 106 -5.78 -15.99 25.28
C ILE A 106 -5.08 -15.45 24.04
N GLU A 107 -4.48 -16.34 23.24
CA GLU A 107 -3.73 -15.90 22.06
C GLU A 107 -4.60 -15.74 20.81
N LYS A 108 -4.32 -14.69 20.03
CA LYS A 108 -5.03 -14.40 18.79
C LYS A 108 -4.17 -14.53 17.54
N ILE A 109 -4.83 -14.63 16.38
CA ILE A 109 -4.18 -14.73 15.08
C ILE A 109 -4.94 -13.85 14.09
N SER A 110 -4.25 -13.22 13.15
CA SER A 110 -4.94 -12.41 12.15
C SER A 110 -4.17 -12.24 10.85
N MET A 111 -4.93 -12.10 9.76
CA MET A 111 -4.41 -11.84 8.43
C MET A 111 -4.40 -10.35 8.20
N LEU A 112 -3.77 -9.92 7.11
CA LEU A 112 -3.59 -8.51 6.85
C LEU A 112 -4.46 -7.95 5.73
N GLU A 113 -5.06 -6.79 6.01
CA GLU A 113 -5.72 -6.01 4.98
C GLU A 113 -4.67 -5.44 4.03
N LYS A 114 -3.79 -4.57 4.55
CA LYS A 114 -2.81 -3.88 3.72
C LYS A 114 -1.45 -3.78 4.40
N ILE A 115 -0.42 -3.53 3.60
CA ILE A 115 0.95 -3.31 4.08
C ILE A 115 1.42 -1.92 3.65
N TYR A 116 2.08 -1.20 4.56
CA TYR A 116 2.61 0.12 4.29
C TYR A 116 4.09 0.27 4.64
N ILE A 117 4.95 0.23 3.62
CA ILE A 117 6.39 0.44 3.76
C ILE A 117 6.65 1.93 3.58
N HIS A 118 7.76 2.43 4.13
CA HIS A 118 8.17 3.82 3.94
C HIS A 118 8.69 4.07 2.51
N PRO A 119 8.27 5.19 1.87
CA PRO A 119 8.62 5.58 0.50
C PRO A 119 10.12 5.69 0.19
N ARG A 120 10.86 6.43 1.03
CA ARG A 120 12.30 6.60 0.85
C ARG A 120 13.06 5.69 1.82
N TYR A 121 12.55 4.48 2.02
CA TYR A 121 13.24 3.47 2.82
C TYR A 121 14.41 2.92 2.03
N ASN A 122 15.61 3.35 2.38
CA ASN A 122 16.83 3.05 1.62
C ASN A 122 17.36 1.62 1.83
N TRP A 123 16.67 0.67 1.21
CA TRP A 123 17.04 -0.73 1.28
C TRP A 123 18.24 -1.06 0.41
N ARG A 124 18.79 -0.03 -0.24
CA ARG A 124 19.89 -0.21 -1.20
C ARG A 124 21.27 -0.15 -0.55
N GLU A 125 21.34 0.40 0.66
CA GLU A 125 22.62 0.63 1.30
C GLU A 125 22.63 0.24 2.78
N ASN A 126 21.95 1.02 3.61
CA ASN A 126 22.01 0.86 5.06
C ASN A 126 20.63 0.75 5.72
N LEU A 127 19.63 0.33 4.96
CA LEU A 127 18.26 0.15 5.46
C LEU A 127 17.74 1.40 6.18
N ASP A 128 18.02 2.58 5.60
CA ASP A 128 17.54 3.85 6.14
C ASP A 128 16.03 3.84 6.23
N ARG A 129 15.50 4.40 7.32
CA ARG A 129 14.06 4.46 7.60
C ARG A 129 13.37 3.08 7.49
N ASP A 130 14.03 2.07 8.07
CA ASP A 130 13.55 0.68 8.10
C ASP A 130 12.27 0.59 8.92
N ILE A 131 11.16 1.00 8.31
CA ILE A 131 9.87 1.03 9.01
C ILE A 131 8.72 0.60 8.10
N ALA A 132 7.71 -0.01 8.71
CA ALA A 132 6.57 -0.59 8.02
C ALA A 132 5.40 -0.77 8.97
N LEU A 133 4.21 -0.48 8.47
CA LEU A 133 2.96 -0.60 9.22
C LEU A 133 2.05 -1.61 8.58
N MET A 134 1.45 -2.48 9.38
CA MET A 134 0.56 -3.51 8.87
C MET A 134 -0.86 -3.33 9.40
N LYS A 135 -1.83 -3.33 8.51
CA LYS A 135 -3.25 -3.19 8.87
C LYS A 135 -3.90 -4.55 8.96
N LEU A 136 -4.78 -4.71 9.94
CA LEU A 136 -5.40 -6.00 10.22
C LEU A 136 -6.75 -6.12 9.55
N LYS A 137 -7.13 -7.35 9.22
CA LYS A 137 -8.47 -7.62 8.68
C LYS A 137 -9.50 -7.40 9.79
N LYS A 138 -9.72 -8.42 10.60
CA LYS A 138 -10.57 -8.32 11.77
C LYS A 138 -9.75 -7.73 12.93
N PRO A 139 -10.24 -6.62 13.53
CA PRO A 139 -9.59 -5.92 14.65
C PRO A 139 -9.61 -6.70 15.97
N VAL A 140 -8.60 -6.46 16.80
CA VAL A 140 -8.39 -7.24 18.01
C VAL A 140 -8.84 -6.50 19.25
N ALA A 141 -9.41 -7.23 20.21
CA ALA A 141 -9.85 -6.63 21.46
C ALA A 141 -8.78 -6.74 22.56
N PHE A 142 -8.43 -5.59 23.14
CA PHE A 142 -7.43 -5.53 24.19
C PHE A 142 -7.92 -6.19 25.47
N SER A 143 -7.20 -7.21 25.92
CA SER A 143 -7.51 -7.85 27.19
C SER A 143 -6.39 -7.57 28.19
N ASP A 144 -6.20 -8.50 29.13
CA ASP A 144 -5.10 -8.41 30.09
C ASP A 144 -3.74 -8.65 29.44
N TYR A 145 -3.74 -9.32 28.29
CA TYR A 145 -2.51 -9.79 27.67
C TYR A 145 -2.18 -9.12 26.35
N ILE A 146 -3.16 -8.42 25.78
CA ILE A 146 -2.96 -7.62 24.58
C ILE A 146 -3.26 -6.18 24.93
N HIS A 147 -2.27 -5.31 24.73
CA HIS A 147 -2.42 -3.87 24.98
C HIS A 147 -1.47 -3.10 24.05
N PRO A 148 -1.92 -1.92 23.54
CA PRO A 148 -1.07 -1.17 22.63
C PRO A 148 0.02 -0.40 23.38
N VAL A 149 1.15 -0.16 22.69
CA VAL A 149 2.23 0.65 23.24
C VAL A 149 2.13 2.09 22.72
N CYS A 150 2.68 3.05 23.47
CA CYS A 150 2.61 4.47 23.11
C CYS A 150 3.68 4.88 22.12
N LEU A 151 3.47 6.03 21.48
CA LEU A 151 4.44 6.63 20.58
C LEU A 151 5.01 7.89 21.23
N PRO A 152 6.35 8.11 21.09
CA PRO A 152 6.99 9.24 21.76
C PRO A 152 6.53 10.60 21.22
N ASP A 153 6.62 11.61 22.08
CA ASP A 153 6.41 13.00 21.67
C ASP A 153 7.75 13.72 21.71
N ARG A 154 7.74 15.01 21.35
CA ARG A 154 8.98 15.78 21.31
C ARG A 154 9.66 15.81 22.68
N GLU A 155 8.88 16.06 23.74
CA GLU A 155 9.42 16.13 25.09
C GLU A 155 10.08 14.82 25.51
N THR A 156 9.39 13.71 25.23
CA THR A 156 9.82 12.39 25.65
C THR A 156 11.09 11.97 24.91
N ALA A 157 11.11 12.19 23.60
CA ALA A 157 12.28 11.86 22.78
C ALA A 157 13.52 12.67 23.13
N ALA A 158 13.32 13.94 23.45
CA ALA A 158 14.42 14.80 23.87
C ALA A 158 14.91 14.39 25.25
N SER A 159 13.97 14.09 26.14
CA SER A 159 14.28 13.86 27.54
C SER A 159 14.77 12.45 27.84
N LEU A 160 14.44 11.50 26.96
CA LEU A 160 14.76 10.08 27.22
C LEU A 160 15.88 9.52 26.36
N LEU A 161 15.85 9.79 25.06
CA LEU A 161 16.77 9.14 24.12
C LEU A 161 18.17 9.76 24.14
N GLN A 162 18.84 9.60 25.26
CA GLN A 162 20.21 10.08 25.44
C GLN A 162 21.09 8.91 25.82
N ALA A 163 22.39 9.06 25.55
CA ALA A 163 23.40 8.07 25.97
C ALA A 163 23.30 7.78 27.47
N GLY A 164 23.63 6.55 27.85
CA GLY A 164 23.58 6.14 29.26
C GLY A 164 22.21 5.70 29.74
N TYR A 165 21.16 6.31 29.20
CA TYR A 165 19.77 5.93 29.51
C TYR A 165 19.44 4.56 28.92
N LYS A 166 18.44 3.89 29.49
CA LYS A 166 18.25 2.47 29.20
C LYS A 166 16.93 2.13 28.51
N GLY A 167 16.97 1.08 27.71
CA GLY A 167 15.77 0.56 27.03
C GLY A 167 15.73 -0.96 27.06
N ARG A 168 14.73 -1.54 26.42
CA ARG A 168 14.45 -2.95 26.60
C ARG A 168 13.92 -3.62 25.35
N VAL A 169 14.52 -4.75 24.99
CA VAL A 169 14.10 -5.54 23.85
C VAL A 169 13.47 -6.82 24.36
N THR A 170 12.38 -7.25 23.73
CA THR A 170 11.74 -8.54 24.02
C THR A 170 11.59 -9.38 22.77
N GLY A 171 11.72 -10.69 22.90
CA GLY A 171 11.58 -11.59 21.75
C GLY A 171 11.73 -13.06 22.08
N TRP A 172 12.11 -13.83 21.06
CA TRP A 172 12.25 -15.28 21.18
C TRP A 172 13.57 -15.77 20.53
N GLY A 173 14.60 -14.94 20.62
CA GLY A 173 15.93 -15.31 20.12
C GLY A 173 16.01 -15.70 18.65
N ASN A 174 14.99 -15.31 17.88
CA ASN A 174 14.98 -15.50 16.43
C ASN A 174 16.33 -15.13 15.83
N LEU A 175 16.71 -13.88 16.01
CA LEU A 175 18.03 -13.38 15.67
C LEU A 175 19.13 -14.36 16.05
N LYS A 176 19.27 -14.63 17.35
CA LYS A 176 20.31 -15.53 17.87
C LYS A 176 20.30 -16.86 17.11
N GLU A 177 19.10 -17.41 16.94
CA GLU A 177 18.90 -18.67 16.25
C GLU A 177 19.32 -18.58 14.78
N THR A 178 19.01 -17.45 14.14
CA THR A 178 19.28 -17.25 12.72
C THR A 178 20.78 -17.09 12.42
N TRP A 179 21.51 -16.42 13.30
CA TRP A 179 22.93 -16.11 13.07
C TRP A 179 23.90 -16.71 14.10
N THR A 180 23.53 -17.83 14.72
CA THR A 180 24.40 -18.55 15.66
C THR A 180 25.50 -19.35 14.94
N ALA A 181 25.66 -19.09 13.65
CA ALA A 181 26.64 -19.80 12.81
C ALA A 181 27.87 -18.94 12.48
N PRO A 188 16.23 -21.47 23.92
CA PRO A 188 15.62 -20.46 23.05
C PRO A 188 14.12 -20.24 23.31
N SER A 189 13.51 -21.12 24.11
CA SER A 189 12.04 -21.29 24.22
C SER A 189 11.13 -20.08 24.46
N VAL A 190 10.83 -19.78 25.73
CA VAL A 190 9.83 -18.77 26.13
C VAL A 190 10.32 -17.32 26.02
N LEU A 191 9.37 -16.37 25.86
CA LEU A 191 9.67 -14.94 25.65
C LEU A 191 10.91 -14.41 26.38
N GLN A 192 11.81 -13.79 25.63
CA GLN A 192 13.03 -13.23 26.19
C GLN A 192 12.94 -11.73 26.43
N VAL A 193 13.63 -11.27 27.48
CA VAL A 193 13.77 -9.84 27.77
C VAL A 193 15.22 -9.51 28.15
N VAL A 194 15.79 -8.50 27.50
CA VAL A 194 17.15 -8.04 27.80
C VAL A 194 17.24 -6.51 27.73
N ASN A 195 17.60 -5.90 28.84
CA ASN A 195 17.68 -4.44 28.94
C ASN A 195 19.05 -3.94 28.53
N LEU A 196 19.05 -3.03 27.55
CA LEU A 196 20.29 -2.45 27.01
C LEU A 196 20.32 -0.93 27.22
N PRO A 197 21.53 -0.36 27.41
CA PRO A 197 21.63 1.10 27.47
C PRO A 197 21.91 1.73 26.11
N ILE A 198 21.49 2.99 25.96
CA ILE A 198 21.70 3.77 24.74
C ILE A 198 23.12 4.27 24.68
N VAL A 199 23.74 4.19 23.49
CA VAL A 199 25.14 4.56 23.34
C VAL A 199 25.29 5.88 22.57
N GLU A 200 26.42 6.55 22.79
CA GLU A 200 26.73 7.86 22.20
C GLU A 200 26.82 7.75 20.68
N ARG A 201 26.11 8.62 19.98
CA ARG A 201 26.15 8.67 18.51
C ARG A 201 27.57 8.88 17.94
N PRO A 202 28.40 9.69 18.64
CA PRO A 202 29.84 9.70 18.34
C PRO A 202 30.45 8.30 18.27
N VAL A 203 30.03 7.41 19.17
CA VAL A 203 30.54 6.04 19.26
C VAL A 203 29.87 5.12 18.24
N CYS A 204 28.56 5.28 18.05
CA CYS A 204 27.82 4.46 17.09
C CYS A 204 28.56 4.50 15.76
N LYS A 205 28.74 5.71 15.22
CA LYS A 205 29.52 5.94 14.01
C LYS A 205 30.84 5.18 14.08
N ASP A 206 31.64 5.52 15.08
CA ASP A 206 32.99 4.98 15.27
C ASP A 206 33.07 3.46 15.20
N SER A 207 32.04 2.77 15.69
CA SER A 207 32.05 1.32 15.83
C SER A 207 31.73 0.53 14.56
N THR A 208 31.26 1.23 13.51
CA THR A 208 30.85 0.58 12.27
C THR A 208 31.39 1.23 11.01
N ARG A 209 31.68 0.41 10.02
CA ARG A 209 32.16 0.84 8.70
C ARG A 209 31.04 1.45 7.86
N ILE A 210 29.81 1.41 8.39
CA ILE A 210 28.60 1.67 7.60
C ILE A 210 27.97 3.04 7.88
N ARG A 211 27.57 3.71 6.81
CA ARG A 211 27.00 5.05 6.88
C ARG A 211 25.69 5.04 7.67
N ILE A 212 25.67 5.74 8.80
CA ILE A 212 24.47 5.84 9.62
C ILE A 212 23.78 7.21 9.49
N THR A 213 22.49 7.22 9.78
CA THR A 213 21.66 8.41 9.64
C THR A 213 21.00 8.77 10.96
N ASP A 214 20.49 9.99 11.05
CA ASP A 214 19.78 10.44 12.24
C ASP A 214 18.55 9.58 12.54
N ASN A 215 17.98 8.98 11.50
CA ASN A 215 16.87 8.04 11.65
C ASN A 215 17.33 6.72 12.30
N MET A 216 18.53 6.73 12.88
CA MET A 216 19.16 5.54 13.47
C MET A 216 19.84 5.84 14.79
N PHE A 217 19.74 4.91 15.74
CA PHE A 217 20.47 5.01 17.00
C PHE A 217 20.94 3.63 17.44
N CYS A 218 21.96 3.60 18.30
CA CYS A 218 22.51 2.34 18.76
C CYS A 218 22.42 2.16 20.27
N ALA A 219 22.50 0.90 20.70
CA ALA A 219 22.39 0.53 22.10
C ALA A 219 23.22 -0.70 22.38
N GLY A 220 23.85 -0.73 23.55
CA GLY A 220 24.69 -1.85 23.95
C GLY A 220 25.66 -1.42 25.04
N TYR A 221 26.61 -2.29 25.32
CA TYR A 221 27.61 -2.00 26.34
C TYR A 221 28.99 -1.86 25.69
N LYS A 222 29.71 -0.79 26.05
CA LYS A 222 31.15 -0.71 25.79
C LYS A 222 31.84 -1.75 26.69
N PRO A 223 32.75 -2.54 26.11
CA PRO A 223 33.15 -3.80 26.74
C PRO A 223 34.38 -3.73 27.65
N ASP A 224 34.62 -2.56 28.22
CA ASP A 224 35.58 -2.47 29.32
C ASP A 224 34.82 -2.58 30.64
N GLU A 225 33.52 -2.82 30.55
CA GLU A 225 32.67 -3.14 31.70
C GLU A 225 31.90 -4.45 31.43
N GLY A 226 32.65 -5.55 31.34
CA GLY A 226 32.14 -6.85 30.91
C GLY A 226 30.75 -7.29 31.36
N LYS A 227 29.77 -7.06 30.48
CA LYS A 227 28.40 -7.53 30.69
C LYS A 227 28.01 -8.49 29.57
N ARG A 228 27.11 -9.43 29.87
CA ARG A 228 26.57 -10.34 28.86
C ARG A 228 25.21 -9.85 28.34
N GLY A 229 25.19 -8.58 27.90
CA GLY A 229 23.96 -7.97 27.36
C GLY A 229 23.99 -7.83 25.85
N ASP A 230 23.33 -8.76 25.17
CA ASP A 230 23.37 -8.82 23.72
C ASP A 230 22.01 -8.55 23.09
N ALA A 231 22.05 -7.89 21.94
CA ALA A 231 20.85 -7.46 21.23
C ALA A 231 20.17 -8.57 20.42
N CYS A 232 20.77 -9.76 20.39
CA CYS A 232 20.28 -10.85 19.56
C CYS A 232 19.29 -11.80 20.25
N GLU A 233 19.03 -11.56 21.53
CA GLU A 233 18.10 -12.40 22.31
C GLU A 233 16.63 -12.09 21.99
N GLY A 234 16.40 -10.91 21.40
CA GLY A 234 15.08 -10.53 20.90
C GLY A 234 14.89 -11.05 19.48
N ASP A 235 14.13 -10.30 18.69
CA ASP A 235 13.88 -10.67 17.30
C ASP A 235 14.07 -9.48 16.38
N ALA A 236 14.33 -9.79 15.12
CA ALA A 236 14.40 -8.78 14.07
C ALA A 236 13.06 -8.05 13.98
N GLY A 237 13.10 -6.77 13.65
CA GLY A 237 11.88 -5.97 13.52
C GLY A 237 11.19 -5.67 14.83
N GLY A 238 11.73 -6.22 15.92
CA GLY A 238 11.15 -6.08 17.24
C GLY A 238 11.14 -4.65 17.78
N PRO A 239 10.55 -4.46 18.97
CA PRO A 239 10.43 -3.12 19.53
C PRO A 239 11.49 -2.80 20.59
N PHE A 240 11.84 -1.52 20.68
CA PHE A 240 12.68 -0.99 21.74
C PHE A 240 11.80 -0.02 22.54
N VAL A 241 11.78 -0.20 23.85
CA VAL A 241 10.84 0.50 24.72
C VAL A 241 11.51 1.13 25.93
N MET A 242 10.96 2.25 26.39
CA MET A 242 11.50 2.98 27.52
C MET A 242 10.36 3.53 28.35
N LYS A 243 10.31 3.15 29.63
CA LYS A 243 9.23 3.61 30.51
C LYS A 243 9.46 5.05 30.94
N SER A 244 8.46 5.90 30.70
CA SER A 244 8.54 7.33 31.00
C SER A 244 8.14 7.62 32.46
N PRO A 245 9.00 8.36 33.20
CA PRO A 245 8.76 8.67 34.60
C PRO A 245 7.86 9.89 34.81
N PHE A 246 7.19 10.33 33.75
CA PHE A 246 6.37 11.54 33.82
C PHE A 246 4.90 11.20 33.80
N ASN A 247 4.58 10.01 33.27
CA ASN A 247 3.21 9.48 33.29
C ASN A 247 3.14 7.95 33.36
N ASN A 248 4.21 7.32 33.87
CA ASN A 248 4.31 5.86 34.01
C ASN A 248 4.27 5.08 32.70
N ARG A 249 3.95 5.77 31.60
CA ARG A 249 3.69 5.10 30.33
C ARG A 249 4.94 4.61 29.62
N TRP A 250 4.81 3.44 28.99
CA TRP A 250 5.85 2.79 28.19
C TRP A 250 5.77 3.27 26.75
N TYR A 251 6.89 3.72 26.21
CA TYR A 251 6.94 4.26 24.86
C TYR A 251 7.86 3.46 23.98
N GLN A 252 7.43 3.19 22.75
CA GLN A 252 8.32 2.55 21.78
C GLN A 252 9.24 3.57 21.14
N MET A 253 10.54 3.36 21.31
CA MET A 253 11.53 4.34 20.89
C MET A 253 12.28 3.96 19.61
N GLY A 254 12.42 2.66 19.36
CA GLY A 254 13.18 2.19 18.21
C GLY A 254 12.94 0.75 17.79
N ILE A 255 12.58 0.57 16.52
CA ILE A 255 12.43 -0.76 15.92
C ILE A 255 13.80 -1.42 15.74
N VAL A 256 13.95 -2.64 16.22
CA VAL A 256 15.19 -3.41 16.03
C VAL A 256 15.46 -3.56 14.54
N SER A 257 16.42 -2.78 14.06
CA SER A 257 16.65 -2.62 12.63
C SER A 257 17.68 -3.63 12.11
N TRP A 258 18.96 -3.35 12.36
CA TRP A 258 20.05 -4.15 11.82
C TRP A 258 21.25 -4.22 12.78
N GLY A 259 22.30 -4.93 12.34
CA GLY A 259 23.53 -5.04 13.11
C GLY A 259 24.57 -5.91 12.44
N GLU A 260 25.83 -5.75 12.86
CA GLU A 260 26.93 -6.57 12.35
C GLU A 260 27.16 -7.74 13.30
N GLY A 261 27.28 -8.95 12.74
CA GLY A 261 27.39 -10.17 13.51
C GLY A 261 26.33 -10.27 14.59
N CYS A 262 26.78 -10.53 15.82
CA CYS A 262 25.92 -10.57 17.00
C CYS A 262 26.71 -10.28 18.28
N ASP A 263 26.78 -11.27 19.17
CA ASP A 263 27.43 -11.13 20.46
C ASP A 263 28.94 -10.91 20.31
N ARG A 264 29.37 -9.65 20.41
CA ARG A 264 30.79 -9.29 20.41
C ARG A 264 31.11 -7.94 21.06
N ASP A 265 32.37 -7.81 21.47
CA ASP A 265 32.89 -6.63 22.17
C ASP A 265 32.87 -5.38 21.30
N GLY A 266 32.09 -4.39 21.72
CA GLY A 266 32.12 -3.07 21.09
C GLY A 266 31.35 -3.06 19.79
N LYS A 267 30.26 -3.81 19.79
CA LYS A 267 29.30 -3.78 18.70
C LYS A 267 27.90 -3.60 19.31
N TYR A 268 27.08 -2.78 18.65
CA TYR A 268 25.79 -2.37 19.22
C TYR A 268 24.65 -2.52 18.20
N GLY A 269 23.48 -2.85 18.72
CA GLY A 269 22.29 -3.00 17.90
C GLY A 269 21.76 -1.66 17.46
N PHE A 270 21.69 -1.44 16.16
CA PHE A 270 21.13 -0.21 15.61
C PHE A 270 19.62 -0.33 15.44
N TYR A 271 18.94 0.80 15.59
CA TYR A 271 17.47 0.81 15.59
C TYR A 271 16.91 1.94 14.74
N THR A 272 15.64 1.80 14.36
CA THR A 272 14.92 2.87 13.67
C THR A 272 14.57 3.92 14.72
N HIS A 273 14.78 5.20 14.38
CA HIS A 273 14.45 6.29 15.30
C HIS A 273 12.97 6.65 15.20
N VAL A 274 12.16 5.95 15.99
CA VAL A 274 10.71 6.09 15.92
C VAL A 274 10.22 7.54 15.90
N PHE A 275 10.62 8.34 16.88
CA PHE A 275 10.13 9.71 16.94
C PHE A 275 10.46 10.46 15.67
N ARG A 276 11.67 10.26 15.16
CA ARG A 276 12.11 10.98 13.98
C ARG A 276 11.24 10.69 12.77
N LEU A 277 10.39 9.67 12.87
CA LEU A 277 9.47 9.32 11.81
C LEU A 277 8.02 9.34 12.28
N LYS A 278 7.79 9.96 13.43
CA LYS A 278 6.45 10.06 14.01
C LYS A 278 5.45 10.64 13.02
N LYS A 279 5.89 11.62 12.23
CA LYS A 279 5.07 12.22 11.19
C LYS A 279 4.51 11.20 10.20
N TRP A 280 5.35 10.27 9.73
CA TRP A 280 4.88 9.31 8.71
C TRP A 280 3.87 8.30 9.25
N ILE A 281 4.25 7.60 10.32
CA ILE A 281 3.38 6.61 10.97
C ILE A 281 1.97 7.15 11.13
N GLN A 282 1.86 8.28 11.82
CA GLN A 282 0.58 8.87 12.18
C GLN A 282 -0.22 9.26 10.94
N LYS A 283 0.45 9.77 9.91
CA LYS A 283 -0.21 10.19 8.67
C LYS A 283 -1.06 9.08 8.06
N VAL A 284 -0.58 7.85 8.13
CA VAL A 284 -1.31 6.72 7.55
C VAL A 284 -2.48 6.25 8.42
N ILE A 285 -2.33 6.34 9.74
CA ILE A 285 -3.41 5.97 10.65
C ILE A 285 -4.52 7.02 10.60
N ASP A 286 -4.11 8.28 10.44
CA ASP A 286 -5.05 9.40 10.38
C ASP A 286 -5.78 9.49 9.05
N GLN A 287 -5.13 9.03 7.98
CA GLN A 287 -5.66 9.24 6.64
C GLN A 287 -5.94 7.95 5.87
N PHE A 288 -5.83 6.78 6.51
CA PHE A 288 -6.14 5.52 5.81
C PHE A 288 -7.10 4.56 6.54
N GLY A 289 -6.74 4.14 7.75
CA GLY A 289 -7.57 3.20 8.52
C GLY A 289 -8.76 3.86 9.20
N GLU A 290 -9.75 3.06 9.58
CA GLU A 290 -10.96 3.52 10.30
C GLU A 290 -11.73 4.62 9.55
N GLU B 1 -24.02 14.38 -16.95
CA GLU B 1 -25.21 13.69 -16.34
C GLU B 1 -25.51 14.22 -14.92
N ALA B 2 -26.78 14.24 -14.54
CA ALA B 2 -27.22 14.79 -13.25
C ALA B 2 -26.67 14.06 -12.02
N ASP B 3 -26.79 12.73 -12.01
CA ASP B 3 -26.27 11.93 -10.90
C ASP B 3 -25.28 10.90 -11.41
N CYS B 4 -24.10 11.38 -11.81
CA CYS B 4 -23.02 10.53 -12.25
C CYS B 4 -21.93 10.54 -11.21
N GLY B 5 -21.05 9.55 -11.30
CA GLY B 5 -19.81 9.52 -10.52
C GLY B 5 -20.01 9.25 -9.04
N LEU B 6 -21.15 8.66 -8.71
CA LEU B 6 -21.47 8.36 -7.33
C LEU B 6 -21.99 6.93 -7.23
N ARG B 7 -21.10 6.03 -6.81
CA ARG B 7 -21.41 4.62 -6.72
C ARG B 7 -22.43 4.39 -5.63
N PRO B 8 -23.51 3.67 -5.96
CA PRO B 8 -24.59 3.33 -5.03
C PRO B 8 -24.11 2.47 -3.85
N LEU B 9 -23.10 1.64 -4.08
CA LEU B 9 -22.57 0.78 -3.02
C LEU B 9 -21.60 1.48 -2.09
N PHE B 10 -21.02 2.59 -2.54
CA PHE B 10 -20.02 3.30 -1.75
C PHE B 10 -20.47 4.69 -1.30
N GLU B 11 -20.41 5.67 -2.21
CA GLU B 11 -20.79 7.04 -1.90
C GLU B 11 -22.16 7.15 -1.24
N LYS B 12 -23.17 6.62 -1.93
CA LYS B 12 -24.56 6.73 -1.49
C LYS B 12 -24.82 6.08 -0.13
N LYS B 13 -24.08 5.02 0.16
CA LYS B 13 -24.15 4.36 1.46
C LYS B 13 -22.97 4.77 2.34
N SER B 14 -22.30 5.87 1.96
CA SER B 14 -21.11 6.39 2.66
C SER B 14 -20.10 5.30 3.01
N LEU B 15 -19.26 4.97 2.03
CA LEU B 15 -18.25 3.93 2.15
C LEU B 15 -17.10 4.22 1.21
N GLU B 16 -15.91 3.74 1.56
CA GLU B 16 -14.71 4.03 0.77
C GLU B 16 -13.91 2.78 0.49
N ASP B 17 -13.65 2.52 -0.79
CA ASP B 17 -12.94 1.30 -1.21
C ASP B 17 -11.53 1.21 -0.61
N LYS B 18 -10.97 0.01 -0.65
CA LYS B 18 -9.72 -0.30 0.05
C LYS B 18 -8.50 0.54 -0.37
N THR B 19 -8.69 1.50 -1.27
CA THR B 19 -7.57 2.25 -1.81
C THR B 19 -7.87 3.67 -2.31
N GLU B 20 -9.08 4.17 -2.06
CA GLU B 20 -9.47 5.50 -2.57
C GLU B 20 -8.87 6.68 -1.80
N ARG B 21 -8.53 6.48 -0.53
CA ARG B 21 -7.92 7.53 0.27
C ARG B 21 -6.44 7.73 -0.04
N GLU B 22 -5.82 6.71 -0.62
CA GLU B 22 -4.46 6.83 -1.16
C GLU B 22 -4.50 7.67 -2.42
N LEU B 23 -5.65 7.63 -3.09
CA LEU B 23 -5.89 8.39 -4.31
C LEU B 23 -6.04 9.87 -4.00
N LEU B 24 -7.07 10.23 -3.23
CA LEU B 24 -7.33 11.63 -2.86
C LEU B 24 -6.05 12.33 -2.40
N GLU B 25 -5.34 11.66 -1.50
CA GLU B 25 -4.11 12.17 -0.87
C GLU B 25 -2.87 12.04 -1.75
N SER B 26 -3.00 11.31 -2.85
CA SER B 26 -1.94 11.15 -3.86
C SER B 26 -0.58 10.71 -3.28
N TYR B 27 -0.61 10.13 -2.07
CA TYR B 27 0.58 9.61 -1.43
C TYR B 27 1.00 8.30 -2.08
N ILE B 28 2.31 8.17 -2.35
CA ILE B 28 2.85 6.90 -2.86
C ILE B 28 3.61 6.19 -1.75
N ASP B 29 3.27 4.92 -1.56
CA ASP B 29 3.81 4.11 -0.47
C ASP B 29 5.15 3.46 -0.84
N GLY B 30 5.57 2.49 -0.05
CA GLY B 30 6.82 1.77 -0.31
C GLY B 30 6.64 0.49 -1.12
N ARG B 31 5.56 -0.25 -0.84
CA ARG B 31 5.33 -1.59 -1.42
C ARG B 31 5.31 -1.61 -2.96
N ILE B 32 5.84 -2.69 -3.54
CA ILE B 32 5.92 -2.84 -5.00
C ILE B 32 4.53 -3.10 -5.60
N VAL B 33 3.80 -4.05 -5.01
CA VAL B 33 2.47 -4.43 -5.46
C VAL B 33 1.46 -3.29 -5.22
N GLU B 34 1.19 -2.52 -6.28
CA GLU B 34 0.22 -1.42 -6.20
C GLU B 34 -1.18 -1.79 -6.71
N GLY B 35 -1.45 -3.09 -6.86
CA GLY B 35 -2.75 -3.56 -7.36
C GLY B 35 -3.13 -4.98 -7.00
N SER B 36 -4.42 -5.21 -6.77
CA SER B 36 -4.96 -6.53 -6.48
C SER B 36 -6.39 -6.67 -7.00
N ASP B 37 -7.08 -7.70 -6.54
CA ASP B 37 -8.48 -7.94 -6.87
C ASP B 37 -9.35 -6.77 -6.43
N ALA B 38 -10.14 -6.22 -7.34
CA ALA B 38 -11.06 -5.13 -7.00
C ALA B 38 -12.29 -5.68 -6.30
N GLU B 39 -12.99 -4.80 -5.61
CA GLU B 39 -14.16 -5.18 -4.82
C GLU B 39 -15.46 -5.01 -5.63
N ILE B 40 -16.58 -5.41 -5.05
CA ILE B 40 -17.85 -5.46 -5.77
C ILE B 40 -18.57 -4.11 -5.77
N GLY B 41 -19.08 -3.74 -6.94
CA GLY B 41 -19.78 -2.46 -7.13
C GLY B 41 -18.84 -1.27 -7.16
N MET B 42 -17.54 -1.56 -7.26
CA MET B 42 -16.49 -0.53 -7.28
C MET B 42 -16.53 0.37 -8.52
N SER B 43 -16.73 -0.24 -9.68
CA SER B 43 -16.65 0.49 -10.93
C SER B 43 -17.86 0.21 -11.82
N PRO B 44 -19.03 0.76 -11.47
CA PRO B 44 -20.27 0.51 -12.19
C PRO B 44 -20.35 1.07 -13.62
N TRP B 45 -19.47 1.99 -13.97
CA TRP B 45 -19.41 2.56 -15.33
C TRP B 45 -18.57 1.70 -16.28
N GLN B 46 -17.81 0.77 -15.69
CA GLN B 46 -16.91 -0.12 -16.42
C GLN B 46 -17.66 -1.05 -17.38
N VAL B 47 -17.31 -0.94 -18.66
CA VAL B 47 -17.97 -1.68 -19.72
C VAL B 47 -16.93 -2.57 -20.43
N MET B 48 -17.26 -3.85 -20.65
CA MET B 48 -16.47 -4.74 -21.51
C MET B 48 -16.91 -4.53 -22.96
N LEU B 49 -16.03 -4.87 -23.92
CA LEU B 49 -16.40 -4.83 -25.33
C LEU B 49 -15.93 -6.08 -26.03
N PHE B 50 -16.85 -6.71 -26.76
CA PHE B 50 -16.59 -8.00 -27.41
C PHE B 50 -16.74 -7.94 -28.92
N ARG B 51 -16.32 -9.02 -29.56
CA ARG B 51 -16.46 -9.22 -31.00
C ARG B 51 -17.48 -10.35 -31.19
N LYS B 52 -18.33 -10.23 -32.22
CA LYS B 52 -19.41 -11.19 -32.47
C LYS B 52 -18.92 -12.59 -32.83
N SER B 53 -17.93 -12.67 -33.70
CA SER B 53 -17.50 -13.94 -34.26
C SER B 53 -16.02 -13.95 -34.69
N PRO B 54 -15.21 -14.80 -34.02
CA PRO B 54 -15.61 -15.58 -32.84
C PRO B 54 -15.74 -14.67 -31.63
N GLN B 55 -16.59 -15.04 -30.69
CA GLN B 55 -16.81 -14.23 -29.50
C GLN B 55 -15.56 -14.20 -28.63
N GLU B 56 -14.98 -13.01 -28.46
CA GLU B 56 -13.78 -12.79 -27.62
C GLU B 56 -13.68 -11.34 -27.12
N LEU B 57 -13.10 -11.18 -25.93
CA LEU B 57 -13.01 -9.88 -25.26
C LEU B 57 -12.11 -8.91 -26.03
N LEU B 58 -12.75 -8.09 -26.87
CA LEU B 58 -12.04 -7.15 -27.73
C LEU B 58 -11.32 -6.06 -26.94
N CYS B 59 -12.08 -5.30 -26.15
CA CYS B 59 -11.51 -4.12 -25.49
C CYS B 59 -12.08 -3.79 -24.10
N GLY B 60 -12.01 -2.51 -23.75
CA GLY B 60 -12.57 -1.99 -22.52
C GLY B 60 -13.25 -0.67 -22.82
N ALA B 61 -14.26 -0.33 -22.02
CA ALA B 61 -15.05 0.86 -22.25
C ALA B 61 -15.73 1.39 -20.99
N SER B 62 -16.33 2.57 -21.11
CA SER B 62 -16.95 3.24 -19.99
C SER B 62 -18.35 3.67 -20.35
N LEU B 63 -19.18 3.87 -19.33
CA LEU B 63 -20.58 4.26 -19.52
C LEU B 63 -20.80 5.69 -19.05
N ILE B 64 -21.24 6.55 -19.97
CA ILE B 64 -21.45 7.98 -19.67
C ILE B 64 -22.92 8.40 -19.70
N SER B 65 -23.80 7.47 -20.05
CA SER B 65 -25.25 7.62 -19.92
C SER B 65 -25.91 6.26 -20.14
N ASP B 66 -27.23 6.19 -19.96
CA ASP B 66 -27.96 4.93 -20.15
C ASP B 66 -27.89 4.44 -21.58
N ARG B 67 -27.69 5.37 -22.51
CA ARG B 67 -27.72 5.07 -23.92
C ARG B 67 -26.32 5.06 -24.54
N TRP B 68 -25.32 5.53 -23.80
CA TRP B 68 -24.01 5.80 -24.39
C TRP B 68 -22.83 5.12 -23.70
N VAL B 69 -21.91 4.65 -24.53
CA VAL B 69 -20.66 4.03 -24.08
C VAL B 69 -19.47 4.67 -24.79
N LEU B 70 -18.33 4.72 -24.10
CA LEU B 70 -17.13 5.40 -24.58
C LEU B 70 -15.93 4.46 -24.60
N THR B 71 -15.13 4.56 -25.65
CA THR B 71 -13.96 3.69 -25.82
C THR B 71 -12.83 4.37 -26.62
N ALA B 72 -11.64 3.77 -26.59
CA ALA B 72 -10.52 4.23 -27.40
C ALA B 72 -10.75 3.78 -28.82
N ALA B 73 -10.91 4.76 -29.72
CA ALA B 73 -11.15 4.49 -31.15
C ALA B 73 -10.39 3.28 -31.73
N HIS B 74 -9.10 3.20 -31.42
CA HIS B 74 -8.24 2.11 -31.96
C HIS B 74 -8.74 0.69 -31.66
N CYS B 75 -9.65 0.55 -30.68
CA CYS B 75 -10.27 -0.73 -30.35
C CYS B 75 -11.09 -1.21 -31.55
N LEU B 76 -11.68 -0.23 -32.24
CA LEU B 76 -12.51 -0.49 -33.40
C LEU B 76 -11.66 -0.40 -34.66
N LEU B 77 -11.32 0.82 -35.06
CA LEU B 77 -10.67 1.07 -36.32
C LEU B 77 -9.15 1.14 -36.19
N TYR B 78 -8.47 0.32 -36.96
CA TYR B 78 -6.99 0.30 -37.01
C TYR B 78 -6.51 -0.35 -38.32
N PRO B 79 -6.38 0.46 -39.40
CA PRO B 79 -6.01 -0.04 -40.73
C PRO B 79 -4.75 -0.91 -40.82
N PRO B 80 -3.66 -0.57 -40.08
CA PRO B 80 -2.43 -1.38 -40.22
C PRO B 80 -2.61 -2.87 -39.93
N TRP B 81 -3.63 -3.22 -39.14
CA TRP B 81 -3.96 -4.62 -38.90
C TRP B 81 -5.25 -5.01 -39.62
N ASP B 82 -5.59 -4.20 -40.62
CA ASP B 82 -6.88 -4.27 -41.33
C ASP B 82 -8.05 -4.46 -40.35
N LYS B 83 -7.96 -3.74 -39.23
CA LYS B 83 -8.98 -3.74 -38.18
C LYS B 83 -9.94 -2.58 -38.45
N ASN B 84 -11.23 -2.89 -38.48
CA ASN B 84 -12.26 -1.95 -38.95
C ASN B 84 -13.63 -2.57 -38.68
N PHE B 85 -14.31 -2.10 -37.65
CA PHE B 85 -15.52 -2.78 -37.17
C PHE B 85 -16.84 -2.07 -37.47
N THR B 86 -17.80 -2.85 -37.95
CA THR B 86 -19.19 -2.40 -38.10
C THR B 86 -19.81 -2.23 -36.72
N GLU B 87 -21.03 -1.70 -36.70
CA GLU B 87 -21.88 -1.74 -35.53
C GLU B 87 -22.18 -3.21 -35.20
N ASN B 88 -22.68 -3.95 -36.20
CA ASN B 88 -23.12 -5.34 -36.04
C ASN B 88 -22.00 -6.38 -36.01
N ASP B 89 -20.81 -5.97 -35.57
CA ASP B 89 -19.66 -6.87 -35.43
C ASP B 89 -19.30 -7.02 -33.97
N LEU B 90 -20.05 -6.32 -33.12
CA LEU B 90 -19.68 -6.13 -31.72
C LEU B 90 -20.87 -6.17 -30.74
N LEU B 91 -20.57 -6.66 -29.54
CA LEU B 91 -21.44 -6.60 -28.37
C LEU B 91 -20.71 -5.85 -27.27
N VAL B 92 -21.44 -5.34 -26.30
CA VAL B 92 -20.83 -4.89 -25.06
C VAL B 92 -21.53 -5.55 -23.90
N ARG B 93 -20.76 -5.84 -22.84
CA ARG B 93 -21.33 -6.39 -21.61
C ARG B 93 -21.07 -5.47 -20.42
N ILE B 94 -22.13 -5.24 -19.66
CA ILE B 94 -22.13 -4.20 -18.65
C ILE B 94 -22.54 -4.76 -17.30
N GLY B 95 -21.74 -4.45 -16.28
CA GLY B 95 -22.04 -4.88 -14.91
C GLY B 95 -21.52 -6.26 -14.57
N LYS B 96 -20.34 -6.58 -15.09
CA LYS B 96 -19.67 -7.85 -14.80
C LYS B 96 -18.49 -7.62 -13.88
N HIS B 97 -18.35 -8.48 -12.88
CA HIS B 97 -17.16 -8.48 -12.03
C HIS B 97 -16.28 -9.66 -12.42
N SER B 98 -16.89 -10.85 -12.39
CA SER B 98 -16.26 -12.08 -12.86
C SER B 98 -16.10 -12.06 -14.38
N ARG B 99 -14.85 -12.22 -14.82
CA ARG B 99 -14.50 -12.33 -16.25
C ARG B 99 -15.08 -13.61 -16.88
N THR B 100 -14.91 -14.73 -16.17
CA THR B 100 -15.15 -16.07 -16.71
C THR B 100 -16.58 -16.54 -16.49
N ARG B 101 -17.16 -16.15 -15.36
CA ARG B 101 -18.32 -16.83 -14.82
C ARG B 101 -19.53 -15.92 -14.66
N TYR B 102 -20.37 -15.93 -15.69
CA TYR B 102 -21.64 -15.18 -15.76
C TYR B 102 -22.29 -14.92 -14.41
N GLU B 103 -22.53 -13.65 -14.10
CA GLU B 103 -23.27 -13.27 -12.91
C GLU B 103 -24.75 -13.14 -13.21
N ARG B 104 -25.54 -14.01 -12.58
CA ARG B 104 -26.98 -14.05 -12.76
C ARG B 104 -27.66 -12.80 -12.18
N ASN B 105 -28.71 -12.32 -12.87
CA ASN B 105 -29.51 -11.15 -12.45
C ASN B 105 -28.76 -9.81 -12.32
N ILE B 106 -27.44 -9.85 -12.52
CA ILE B 106 -26.58 -8.69 -12.30
C ILE B 106 -26.09 -8.09 -13.61
N GLU B 107 -25.65 -8.93 -14.53
CA GLU B 107 -25.02 -8.44 -15.76
C GLU B 107 -25.98 -8.36 -16.93
N LYS B 108 -26.16 -7.15 -17.45
CA LYS B 108 -26.96 -6.93 -18.64
C LYS B 108 -26.10 -6.75 -19.90
N ILE B 109 -26.43 -7.52 -20.93
CA ILE B 109 -25.84 -7.37 -22.25
C ILE B 109 -26.43 -6.12 -22.89
N SER B 110 -25.91 -5.74 -24.06
CA SER B 110 -26.48 -4.66 -24.84
C SER B 110 -26.08 -4.78 -26.31
N MET B 111 -26.61 -3.87 -27.11
CA MET B 111 -26.35 -3.83 -28.54
C MET B 111 -25.94 -2.44 -28.94
N LEU B 112 -25.60 -2.28 -30.22
CA LEU B 112 -25.12 -0.99 -30.72
C LEU B 112 -25.98 -0.49 -31.86
N GLU B 113 -26.53 0.72 -31.72
CA GLU B 113 -27.23 1.40 -32.81
C GLU B 113 -26.20 1.88 -33.83
N LYS B 114 -25.47 2.95 -33.49
CA LYS B 114 -24.40 3.46 -34.33
C LYS B 114 -23.06 3.60 -33.60
N ILE B 115 -22.01 3.89 -34.36
CA ILE B 115 -20.66 4.01 -33.82
C ILE B 115 -19.92 5.22 -34.42
N TYR B 116 -19.50 6.14 -33.56
CA TYR B 116 -18.82 7.36 -33.99
C TYR B 116 -17.36 7.40 -33.54
N ILE B 117 -16.45 7.30 -34.50
CA ILE B 117 -15.03 7.59 -34.27
C ILE B 117 -14.85 9.11 -34.40
N HIS B 118 -13.70 9.62 -33.98
CA HIS B 118 -13.37 11.03 -34.21
C HIS B 118 -12.87 11.20 -35.65
N PRO B 119 -13.41 12.21 -36.37
CA PRO B 119 -13.03 12.55 -37.76
C PRO B 119 -11.53 12.74 -37.99
N ARG B 120 -10.86 13.42 -37.06
CA ARG B 120 -9.42 13.66 -37.17
C ARG B 120 -8.58 12.79 -36.22
N TYR B 121 -8.92 11.50 -36.16
CA TYR B 121 -8.17 10.53 -35.36
C TYR B 121 -7.01 10.02 -36.18
N ASN B 122 -5.79 10.18 -35.67
CA ASN B 122 -4.61 9.80 -36.44
C ASN B 122 -3.95 8.48 -36.02
N TRP B 123 -4.38 7.43 -36.70
CA TRP B 123 -3.83 6.08 -36.53
C TRP B 123 -2.48 5.94 -37.22
N ARG B 124 -2.16 6.90 -38.09
CA ARG B 124 -1.01 6.82 -38.97
C ARG B 124 0.34 6.85 -38.25
N GLU B 125 0.38 7.39 -37.03
CA GLU B 125 1.66 7.66 -36.38
C GLU B 125 1.65 7.54 -34.84
N ASN B 126 0.74 8.27 -34.20
CA ASN B 126 0.79 8.46 -32.75
C ASN B 126 -0.52 8.20 -32.00
N LEU B 127 -1.52 7.64 -32.70
CA LEU B 127 -2.85 7.42 -32.14
C LEU B 127 -3.47 8.72 -31.62
N ASP B 128 -3.35 9.78 -32.42
CA ASP B 128 -3.84 11.10 -32.05
C ASP B 128 -5.35 11.11 -31.97
N ARG B 129 -5.87 11.74 -30.92
CA ARG B 129 -7.32 11.86 -30.70
C ARG B 129 -7.99 10.47 -30.77
N ASP B 130 -7.61 9.59 -29.83
CA ASP B 130 -7.96 8.17 -29.84
C ASP B 130 -9.29 7.93 -29.14
N ILE B 131 -10.37 8.50 -29.69
CA ILE B 131 -11.66 8.46 -29.01
C ILE B 131 -12.82 8.08 -29.93
N ALA B 132 -13.76 7.32 -29.39
CA ALA B 132 -14.96 6.88 -30.12
C ALA B 132 -16.13 6.55 -29.20
N LEU B 133 -17.31 7.01 -29.61
CA LEU B 133 -18.55 6.80 -28.87
C LEU B 133 -19.35 5.67 -29.48
N MET B 134 -20.25 5.11 -28.69
CA MET B 134 -21.19 4.05 -29.13
C MET B 134 -22.59 4.28 -28.52
N LYS B 135 -23.63 4.16 -29.34
CA LYS B 135 -25.02 4.26 -28.84
C LYS B 135 -25.67 2.89 -28.82
N LEU B 136 -26.24 2.51 -27.66
CA LEU B 136 -26.85 1.19 -27.53
C LEU B 136 -28.15 1.09 -28.32
N LYS B 137 -28.53 -0.13 -28.71
CA LYS B 137 -29.79 -0.35 -29.41
C LYS B 137 -30.99 -0.23 -28.48
N LYS B 138 -30.80 -0.61 -27.21
CA LYS B 138 -31.82 -0.45 -26.19
C LYS B 138 -31.16 -0.13 -24.85
N PRO B 139 -31.27 1.14 -24.40
CA PRO B 139 -30.71 1.74 -23.18
C PRO B 139 -30.60 0.83 -21.97
N VAL B 140 -29.56 1.06 -21.16
CA VAL B 140 -29.23 0.24 -20.00
C VAL B 140 -30.19 0.46 -18.82
N ALA B 141 -30.12 -0.45 -17.85
CA ALA B 141 -30.82 -0.31 -16.59
C ALA B 141 -29.82 0.07 -15.51
N PHE B 142 -29.94 1.30 -15.00
CA PHE B 142 -29.12 1.75 -13.87
C PHE B 142 -29.46 0.96 -12.61
N SER B 143 -28.53 0.09 -12.19
CA SER B 143 -28.71 -0.66 -10.95
C SER B 143 -27.65 -0.21 -9.94
N ASP B 144 -27.35 -1.07 -8.97
CA ASP B 144 -26.25 -0.82 -8.04
C ASP B 144 -24.91 -1.14 -8.68
N TYR B 145 -24.96 -1.96 -9.72
CA TYR B 145 -23.79 -2.57 -10.30
C TYR B 145 -23.48 -1.90 -11.63
N ILE B 146 -24.42 -1.03 -12.05
CA ILE B 146 -24.38 -0.29 -13.30
C ILE B 146 -24.80 1.15 -13.01
N HIS B 147 -23.89 2.09 -13.24
CA HIS B 147 -24.10 3.50 -12.91
C HIS B 147 -23.07 4.37 -13.64
N PRO B 148 -23.53 5.47 -14.27
CA PRO B 148 -22.70 6.24 -15.21
C PRO B 148 -21.58 7.03 -14.55
N VAL B 149 -20.66 7.53 -15.36
CA VAL B 149 -19.54 8.35 -14.86
C VAL B 149 -19.66 9.79 -15.39
N CYS B 150 -19.01 10.75 -14.73
CA CYS B 150 -18.98 12.13 -15.23
C CYS B 150 -17.71 12.40 -16.02
N LEU B 151 -17.85 13.22 -17.05
CA LEU B 151 -16.69 13.82 -17.70
C LEU B 151 -16.47 15.19 -17.06
N PRO B 152 -15.21 15.57 -16.80
CA PRO B 152 -14.95 16.79 -16.07
C PRO B 152 -15.46 18.04 -16.80
N ASP B 153 -15.61 19.14 -16.06
CA ASP B 153 -15.86 20.45 -16.65
C ASP B 153 -14.61 21.31 -16.47
N ARG B 154 -14.64 22.53 -17.00
CA ARG B 154 -13.46 23.40 -17.05
C ARG B 154 -12.65 23.34 -15.75
N GLU B 155 -13.34 23.54 -14.63
CA GLU B 155 -12.72 23.69 -13.32
C GLU B 155 -12.01 22.42 -12.88
N THR B 156 -12.76 21.33 -12.88
CA THR B 156 -12.30 20.03 -12.40
C THR B 156 -11.03 19.57 -13.13
N ALA B 157 -10.97 19.82 -14.42
CA ALA B 157 -9.80 19.51 -15.22
C ALA B 157 -8.59 20.33 -14.77
N ALA B 158 -8.75 21.65 -14.76
CA ALA B 158 -7.69 22.56 -14.34
C ALA B 158 -7.03 22.13 -13.03
N SER B 159 -7.85 21.87 -12.03
CA SER B 159 -7.37 21.51 -10.71
C SER B 159 -6.87 20.08 -10.66
N LEU B 160 -7.71 19.13 -11.08
CA LEU B 160 -7.42 17.71 -10.92
C LEU B 160 -6.28 17.16 -11.80
N LEU B 161 -6.26 17.52 -13.08
CA LEU B 161 -5.29 16.94 -14.00
C LEU B 161 -3.89 17.51 -13.81
N GLN B 162 -3.20 17.02 -12.79
CA GLN B 162 -1.87 17.53 -12.47
C GLN B 162 -0.93 16.42 -12.04
N ALA B 163 0.32 16.53 -12.50
CA ALA B 163 1.39 15.60 -12.17
C ALA B 163 1.49 15.42 -10.65
N GLY B 164 1.61 14.16 -10.22
CA GLY B 164 1.66 13.85 -8.80
C GLY B 164 0.30 13.44 -8.26
N TYR B 165 -0.76 13.93 -8.89
CA TYR B 165 -2.11 13.50 -8.54
C TYR B 165 -2.35 12.12 -9.12
N LYS B 166 -3.15 11.33 -8.43
CA LYS B 166 -3.25 9.89 -8.72
C LYS B 166 -4.66 9.50 -9.21
N GLY B 167 -4.71 8.47 -10.06
CA GLY B 167 -5.96 8.02 -10.67
C GLY B 167 -6.14 6.51 -10.70
N ARG B 168 -7.28 6.06 -11.22
CA ARG B 168 -7.63 4.64 -11.20
C ARG B 168 -7.97 4.05 -12.58
N VAL B 169 -7.10 3.13 -13.00
CA VAL B 169 -7.37 2.27 -14.16
C VAL B 169 -7.84 0.92 -13.65
N THR B 170 -8.97 0.45 -14.18
CA THR B 170 -9.44 -0.90 -13.87
C THR B 170 -9.64 -1.72 -15.14
N GLY B 171 -9.44 -3.03 -15.00
CA GLY B 171 -9.60 -3.92 -16.12
C GLY B 171 -9.48 -5.37 -15.73
N TRP B 172 -9.32 -6.22 -16.74
CA TRP B 172 -9.24 -7.66 -16.56
C TRP B 172 -7.92 -8.23 -17.06
N GLY B 173 -6.90 -7.38 -17.17
CA GLY B 173 -5.56 -7.82 -17.58
C GLY B 173 -5.55 -8.37 -18.98
N ASN B 174 -6.29 -7.69 -19.85
CA ASN B 174 -6.37 -8.05 -21.26
C ASN B 174 -5.07 -7.71 -21.98
N LEU B 175 -4.32 -6.78 -21.40
CA LEU B 175 -3.09 -6.28 -22.00
C LEU B 175 -1.87 -7.17 -21.80
N LYS B 176 -1.74 -7.79 -20.62
CA LYS B 176 -0.64 -8.72 -20.38
C LYS B 176 -0.88 -10.04 -21.10
N GLU B 177 -2.16 -10.42 -21.22
CA GLU B 177 -2.56 -11.61 -21.95
C GLU B 177 -2.29 -11.42 -23.44
N THR B 178 -2.27 -10.17 -23.89
CA THR B 178 -1.96 -9.84 -25.29
C THR B 178 -0.46 -9.66 -25.48
N TRP B 179 0.22 -9.22 -24.44
CA TRP B 179 1.65 -8.93 -24.53
C TRP B 179 2.45 -9.64 -23.43
N THR B 180 2.41 -10.97 -23.47
CA THR B 180 3.16 -11.84 -22.55
C THR B 180 4.36 -12.49 -23.25
N ALA B 181 4.41 -12.33 -24.58
CA ALA B 181 5.49 -12.84 -25.43
C ALA B 181 6.08 -11.74 -26.29
N PRO B 188 -6.20 -14.32 -14.82
CA PRO B 188 -6.76 -13.22 -14.01
C PRO B 188 -8.28 -13.19 -14.15
N SER B 189 -8.98 -13.59 -13.09
CA SER B 189 -10.40 -14.00 -13.19
C SER B 189 -11.41 -13.03 -12.60
N VAL B 190 -10.98 -11.82 -12.29
CA VAL B 190 -11.83 -10.82 -11.63
C VAL B 190 -11.29 -9.44 -11.97
N LEU B 191 -12.15 -8.42 -11.93
CA LEU B 191 -11.73 -7.03 -12.20
C LEU B 191 -10.51 -6.64 -11.37
N GLN B 192 -9.55 -5.97 -12.00
CA GLN B 192 -8.34 -5.54 -11.29
C GLN B 192 -8.27 -4.03 -11.15
N VAL B 193 -7.98 -3.57 -9.94
CA VAL B 193 -7.81 -2.15 -9.63
C VAL B 193 -6.32 -1.80 -9.55
N VAL B 194 -5.93 -0.71 -10.22
CA VAL B 194 -4.56 -0.20 -10.12
C VAL B 194 -4.56 1.32 -10.03
N ASN B 195 -3.70 1.84 -9.17
CA ASN B 195 -3.52 3.27 -9.03
C ASN B 195 -2.28 3.78 -9.74
N LEU B 196 -2.48 4.76 -10.61
CA LEU B 196 -1.37 5.36 -11.31
C LEU B 196 -1.34 6.88 -11.09
N PRO B 197 -0.15 7.46 -10.88
CA PRO B 197 0.01 8.90 -10.75
C PRO B 197 0.42 9.58 -12.06
N ILE B 198 -0.05 10.82 -12.24
CA ILE B 198 0.19 11.57 -13.48
C ILE B 198 1.63 12.05 -13.57
N VAL B 199 2.22 11.94 -14.76
CA VAL B 199 3.59 12.37 -14.99
C VAL B 199 3.64 13.70 -15.76
N GLU B 200 4.60 14.55 -15.40
CA GLU B 200 4.85 15.82 -16.08
C GLU B 200 5.11 15.57 -17.55
N ARG B 201 4.44 16.36 -18.37
CA ARG B 201 4.50 16.24 -19.83
C ARG B 201 5.92 16.19 -20.42
N PRO B 202 6.86 17.00 -19.89
CA PRO B 202 8.24 16.92 -20.36
C PRO B 202 8.91 15.58 -20.06
N VAL B 203 8.56 14.97 -18.94
CA VAL B 203 9.16 13.70 -18.53
C VAL B 203 8.57 12.56 -19.37
N CYS B 204 7.33 12.75 -19.82
CA CYS B 204 6.69 11.85 -20.76
C CYS B 204 7.39 11.93 -22.11
N LYS B 205 7.63 13.17 -22.55
CA LYS B 205 8.25 13.47 -23.84
C LYS B 205 9.60 12.79 -24.03
N ASP B 206 10.49 12.91 -23.04
CA ASP B 206 11.86 12.38 -23.14
C ASP B 206 11.92 10.84 -23.02
N SER B 207 10.87 10.24 -22.47
CA SER B 207 10.85 8.79 -22.22
C SER B 207 10.45 7.95 -23.43
N THR B 208 10.09 8.60 -24.53
CA THR B 208 9.60 7.93 -25.73
C THR B 208 10.04 8.62 -27.01
N ARG B 209 10.28 7.84 -28.05
CA ARG B 209 10.58 8.39 -29.37
C ARG B 209 9.31 8.87 -30.04
N ILE B 210 8.21 8.16 -29.78
CA ILE B 210 6.90 8.48 -30.37
C ILE B 210 6.56 9.92 -30.06
N ARG B 211 6.25 10.69 -31.12
CA ARG B 211 5.92 12.09 -30.96
C ARG B 211 4.58 12.23 -30.24
N ILE B 212 4.61 12.91 -29.10
CA ILE B 212 3.42 13.11 -28.28
C ILE B 212 2.79 14.46 -28.62
N THR B 213 1.48 14.57 -28.39
CA THR B 213 0.74 15.82 -28.57
C THR B 213 -0.05 16.17 -27.32
N ASP B 214 -0.82 17.24 -27.36
CA ASP B 214 -1.65 17.65 -26.23
C ASP B 214 -2.90 16.78 -26.08
N ASN B 215 -3.29 16.12 -27.17
CA ASN B 215 -4.45 15.23 -27.17
C ASN B 215 -4.35 14.03 -26.22
N MET B 216 -3.19 13.89 -25.57
CA MET B 216 -2.91 12.78 -24.68
C MET B 216 -2.30 13.25 -23.37
N PHE B 217 -2.44 12.45 -22.32
CA PHE B 217 -1.63 12.65 -21.11
C PHE B 217 -0.99 11.34 -20.66
N CYS B 218 0.14 11.45 -19.97
CA CYS B 218 0.89 10.26 -19.58
C CYS B 218 0.95 10.07 -18.06
N ALA B 219 0.93 8.81 -17.64
CA ALA B 219 0.89 8.46 -16.22
C ALA B 219 1.49 7.08 -15.93
N GLY B 220 2.02 6.94 -14.72
CA GLY B 220 2.63 5.69 -14.29
C GLY B 220 3.64 5.94 -13.20
N TYR B 221 4.53 4.97 -12.99
CA TYR B 221 5.51 5.07 -11.92
C TYR B 221 6.91 5.34 -12.44
N LYS B 222 7.69 6.07 -11.63
CA LYS B 222 9.04 6.49 -12.00
C LYS B 222 10.03 5.35 -11.72
N PRO B 223 11.14 5.30 -12.47
CA PRO B 223 11.98 4.11 -12.35
C PRO B 223 12.51 3.95 -10.92
N ASP B 224 13.02 5.05 -10.36
CA ASP B 224 13.73 5.03 -9.07
C ASP B 224 13.04 4.25 -7.96
N GLU B 225 11.99 4.83 -7.37
CA GLU B 225 11.25 4.15 -6.31
C GLU B 225 10.48 2.95 -6.87
N GLY B 226 11.19 1.83 -7.02
CA GLY B 226 10.73 0.66 -7.78
C GLY B 226 9.34 0.17 -7.44
N LYS B 227 8.39 0.44 -8.35
CA LYS B 227 7.03 -0.08 -8.24
C LYS B 227 6.70 -0.94 -9.45
N ARG B 228 6.04 -2.07 -9.22
CA ARG B 228 5.65 -2.95 -10.31
C ARG B 228 4.12 -2.95 -10.55
N GLY B 229 3.55 -1.75 -10.56
CA GLY B 229 2.14 -1.54 -10.92
C GLY B 229 2.02 -0.94 -12.31
N ASP B 230 1.69 -1.79 -13.28
CA ASP B 230 1.64 -1.40 -14.69
C ASP B 230 0.24 -0.91 -15.12
N ALA B 231 0.18 -0.28 -16.29
CA ALA B 231 -1.10 0.05 -16.92
C ALA B 231 -1.70 -1.20 -17.56
N CYS B 232 -0.84 -2.16 -17.85
CA CYS B 232 -1.19 -3.40 -18.52
C CYS B 232 -1.90 -4.38 -17.58
N GLU B 233 -2.17 -3.92 -16.37
CA GLU B 233 -3.00 -4.65 -15.41
C GLU B 233 -4.47 -4.59 -15.84
N GLY B 234 -4.81 -3.57 -16.60
CA GLY B 234 -6.14 -3.39 -17.13
C GLY B 234 -6.24 -3.80 -18.59
N ASP B 235 -7.06 -3.06 -19.32
CA ASP B 235 -7.32 -3.32 -20.73
C ASP B 235 -7.35 -2.02 -21.51
N ALA B 236 -6.94 -2.10 -22.77
CA ALA B 236 -6.98 -0.97 -23.67
C ALA B 236 -8.42 -0.50 -23.84
N GLY B 237 -8.62 0.81 -23.89
CA GLY B 237 -9.94 1.41 -24.04
C GLY B 237 -10.62 1.68 -22.71
N GLY B 238 -10.11 1.04 -21.65
CA GLY B 238 -10.63 1.20 -20.32
C GLY B 238 -10.57 2.64 -19.83
N PRO B 239 -11.38 2.97 -18.81
CA PRO B 239 -11.41 4.32 -18.28
C PRO B 239 -10.30 4.59 -17.25
N PHE B 240 -9.77 5.81 -17.28
CA PHE B 240 -8.88 6.34 -16.25
C PHE B 240 -9.71 7.37 -15.50
N VAL B 241 -9.95 7.12 -14.21
CA VAL B 241 -10.86 7.98 -13.45
C VAL B 241 -10.23 8.54 -12.18
N MET B 242 -10.65 9.75 -11.81
CA MET B 242 -10.15 10.40 -10.62
C MET B 242 -11.31 10.90 -9.78
N LYS B 243 -11.05 11.10 -8.49
CA LYS B 243 -12.09 11.61 -7.60
C LYS B 243 -11.84 13.07 -7.18
N SER B 244 -12.83 13.91 -7.45
CA SER B 244 -12.78 15.33 -7.10
C SER B 244 -13.08 15.52 -5.61
N PRO B 245 -12.09 16.05 -4.87
CA PRO B 245 -12.31 16.30 -3.44
C PRO B 245 -13.30 17.42 -3.24
N PHE B 246 -13.68 18.10 -4.32
CA PHE B 246 -14.63 19.22 -4.27
C PHE B 246 -16.08 18.76 -4.10
N ASN B 247 -16.54 17.86 -4.97
CA ASN B 247 -17.93 17.41 -4.95
C ASN B 247 -18.12 15.91 -4.78
N ASN B 248 -17.02 15.20 -4.54
CA ASN B 248 -17.03 13.75 -4.27
C ASN B 248 -17.47 12.84 -5.42
N ARG B 249 -17.31 13.30 -6.64
CA ARG B 249 -17.72 12.53 -7.80
C ARG B 249 -16.55 11.92 -8.56
N TRP B 250 -16.86 10.86 -9.31
CA TRP B 250 -15.88 10.10 -10.07
C TRP B 250 -15.83 10.58 -11.51
N TYR B 251 -14.65 11.03 -11.93
CA TYR B 251 -14.47 11.66 -13.23
C TYR B 251 -13.55 10.87 -14.14
N GLN B 252 -13.94 10.77 -15.40
CA GLN B 252 -13.12 10.10 -16.41
C GLN B 252 -12.19 11.07 -17.12
N MET B 253 -10.97 11.16 -16.62
CA MET B 253 -9.94 12.01 -17.21
C MET B 253 -9.31 11.36 -18.44
N GLY B 254 -9.27 10.03 -18.45
CA GLY B 254 -8.57 9.29 -19.49
C GLY B 254 -9.25 8.06 -20.05
N ILE B 255 -8.76 7.65 -21.22
CA ILE B 255 -9.12 6.40 -21.86
C ILE B 255 -7.79 5.73 -22.20
N VAL B 256 -7.57 4.52 -21.67
CA VAL B 256 -6.29 3.82 -21.86
C VAL B 256 -5.99 3.67 -23.35
N SER B 257 -5.15 4.58 -23.85
CA SER B 257 -4.81 4.64 -25.26
C SER B 257 -3.66 3.70 -25.59
N TRP B 258 -2.43 4.16 -25.43
CA TRP B 258 -1.26 3.39 -25.86
C TRP B 258 -0.04 3.39 -24.92
N GLY B 259 0.91 2.51 -25.23
CA GLY B 259 2.20 2.43 -24.57
C GLY B 259 3.22 1.73 -25.47
N GLU B 260 4.39 1.42 -24.93
CA GLU B 260 5.41 0.66 -25.66
C GLU B 260 5.75 -0.64 -24.90
N GLY B 261 5.20 -1.75 -25.37
CA GLY B 261 5.29 -3.02 -24.64
C GLY B 261 4.67 -2.87 -23.26
N CYS B 262 5.24 -3.55 -22.27
CA CYS B 262 4.78 -3.49 -20.88
C CYS B 262 5.92 -3.80 -19.92
N ASP B 263 5.76 -3.36 -18.67
CA ASP B 263 6.71 -3.58 -17.54
C ASP B 263 7.99 -2.73 -17.56
N ARG B 264 8.34 -2.17 -18.72
CA ARG B 264 9.55 -1.36 -18.88
C ARG B 264 9.57 -0.17 -17.93
N ASP B 265 10.72 0.08 -17.31
CA ASP B 265 10.88 1.20 -16.39
C ASP B 265 11.10 2.50 -17.16
N GLY B 266 10.90 3.64 -16.50
CA GLY B 266 11.07 4.96 -17.12
C GLY B 266 10.27 5.05 -18.41
N LYS B 267 9.12 4.37 -18.41
CA LYS B 267 8.19 4.29 -19.53
C LYS B 267 6.78 4.26 -18.96
N TYR B 268 5.90 5.06 -19.53
CA TYR B 268 4.56 5.28 -18.94
C TYR B 268 3.41 4.91 -19.86
N GLY B 269 2.21 4.87 -19.29
CA GLY B 269 0.98 4.64 -20.03
C GLY B 269 0.38 5.95 -20.47
N PHE B 270 -0.07 6.01 -21.71
CA PHE B 270 -0.62 7.24 -22.29
C PHE B 270 -2.12 7.12 -22.45
N TYR B 271 -2.84 8.17 -22.05
CA TYR B 271 -4.29 8.12 -22.04
C TYR B 271 -4.85 9.31 -22.77
N THR B 272 -5.91 9.07 -23.53
CA THR B 272 -6.62 10.12 -24.24
C THR B 272 -6.96 11.22 -23.24
N HIS B 273 -6.83 12.48 -23.66
CA HIS B 273 -7.20 13.59 -22.77
C HIS B 273 -8.66 13.95 -22.98
N VAL B 274 -9.53 13.18 -22.32
CA VAL B 274 -10.98 13.31 -22.48
C VAL B 274 -11.45 14.75 -22.57
N PHE B 275 -11.12 15.55 -21.57
CA PHE B 275 -11.62 16.92 -21.46
C PHE B 275 -11.32 17.78 -22.67
N ARG B 276 -10.08 17.75 -23.17
CA ARG B 276 -9.75 18.45 -24.40
C ARG B 276 -10.76 18.12 -25.48
N LEU B 277 -10.97 16.83 -25.70
CA LEU B 277 -11.86 16.33 -26.74
C LEU B 277 -13.33 16.31 -26.35
N LYS B 278 -13.66 16.87 -25.19
CA LYS B 278 -15.04 16.87 -24.64
C LYS B 278 -16.05 17.61 -25.51
N LYS B 279 -15.55 18.50 -26.37
CA LYS B 279 -16.34 19.23 -27.36
C LYS B 279 -16.92 18.34 -28.46
N TRP B 280 -16.12 17.39 -28.95
CA TRP B 280 -16.58 16.46 -29.98
C TRP B 280 -17.69 15.53 -29.46
N ILE B 281 -17.48 14.96 -28.27
CA ILE B 281 -18.51 14.16 -27.59
C ILE B 281 -19.79 14.98 -27.46
N GLN B 282 -19.64 16.19 -26.92
CA GLN B 282 -20.70 17.17 -26.73
C GLN B 282 -21.60 17.22 -27.97
N LYS B 283 -20.95 17.34 -29.13
CA LYS B 283 -21.62 17.42 -30.41
C LYS B 283 -22.50 16.21 -30.67
N VAL B 284 -21.92 15.01 -30.61
CA VAL B 284 -22.61 13.77 -31.00
C VAL B 284 -23.68 13.32 -30.00
N ILE B 285 -23.52 13.64 -28.72
CA ILE B 285 -24.56 13.35 -27.76
C ILE B 285 -25.73 14.29 -28.02
N ASP B 286 -25.46 15.59 -27.98
CA ASP B 286 -26.50 16.62 -28.09
C ASP B 286 -27.24 16.65 -29.42
N GLN B 287 -26.61 16.16 -30.48
CA GLN B 287 -27.21 16.23 -31.82
C GLN B 287 -27.84 14.93 -32.29
N PHE B 288 -27.06 13.86 -32.31
CA PHE B 288 -27.51 12.59 -32.91
C PHE B 288 -28.02 11.58 -31.85
N GLY B 289 -28.83 12.06 -30.91
CA GLY B 289 -29.40 11.22 -29.85
C GLY B 289 -30.73 11.71 -29.28
N GLU B 290 -31.23 10.99 -28.27
CA GLU B 290 -32.48 11.32 -27.55
C GLU B 290 -33.69 11.36 -28.48
S 15U C . 24.63 -8.92 8.92
O1 15U C . 25.57 -7.87 9.16
O2 15U C . 25.36 -10.14 8.69
C1 15U C . 24.19 -4.81 7.23
C2 15U C . 22.85 -4.49 6.57
C3 15U C . 22.55 -5.49 5.44
C4 15U C . 22.74 -6.91 5.95
C5 15U C . 22.16 -7.99 5.30
C6 15U C . 22.34 -9.29 5.76
C7 15U C . 23.12 -9.58 6.88
C8 15U C . 23.76 -8.57 7.61
C9 15U C . 23.59 -7.16 7.16
C10 15U C . 22.82 -3.05 6.05
N 15U C . 24.16 -6.13 7.82
N1 15U C . 23.75 -9.05 10.25
CA 15U C . 22.32 -9.34 10.24
C 15U C . 21.47 -8.11 10.00
O 15U C . 21.90 -7.03 10.38
CB 15U C . 21.96 -10.01 11.57
CG 15U C . 22.53 -9.29 12.78
CD 15U C . 21.43 -8.76 13.70
NE 15U C . 21.95 -7.68 14.51
CZ 15U C . 21.21 -7.01 15.40
NH1 15U C . 21.74 -6.77 16.60
NH2 15U C . 20.05 -6.61 15.12
N2 15U C . 20.27 -8.20 9.39
C11 15U C . 19.66 -9.52 9.11
C21 15U C . 19.18 -9.59 7.65
C31 15U C . 18.29 -8.41 7.24
C41 15U C . 19.07 -7.13 7.52
C51 15U C . 19.44 -7.05 9.01
C61 15U C . 18.55 -9.86 10.08
O11 15U C . 18.28 -9.05 11.00
O21 15U C . 17.93 -10.95 9.91
C71 15U C . 17.85 -8.49 5.79
S 15U D . 3.07 -1.66 -28.70
O1 15U D . 4.32 -0.95 -28.57
O2 15U D . 3.35 -3.07 -28.77
C1 15U D . 2.70 2.61 -29.88
C2 15U D . 1.41 2.99 -30.62
C3 15U D . 1.23 2.14 -31.87
C4 15U D . 1.40 0.68 -31.52
C5 15U D . 0.86 -0.31 -32.33
C6 15U D . 1.01 -1.66 -32.02
C7 15U D . 1.71 -2.08 -30.89
C8 15U D . 2.29 -1.17 -30.01
C9 15U D . 2.15 0.28 -30.30
C10 15U D . 1.40 4.47 -30.97
N 15U D . 2.69 1.21 -29.49
N1 15U D . 2.16 -1.36 -27.40
CA 15U D . 0.76 -1.71 -27.34
C 15U D . -0.15 -0.66 -27.94
O 15U D . 0.24 0.50 -28.02
CB 15U D . 0.38 -2.00 -25.88
CG 15U D . -0.01 -0.76 -25.10
CD 15U D . -0.81 -1.14 -23.85
NE 15U D . -0.44 -0.34 -22.70
CZ 15U D . -0.89 0.90 -22.52
NH1 15U D . -0.23 1.72 -21.71
NH2 15U D . -1.94 1.30 -23.10
N2 15U D . -1.39 -0.99 -28.35
C11 15U D . -1.72 -2.32 -28.87
C21 15U D . -2.13 -2.18 -30.34
C31 15U D . -3.19 -1.10 -30.57
C41 15U D . -2.79 0.19 -29.85
C51 15U D . -2.50 -0.04 -28.37
C61 15U D . -2.78 -3.09 -28.10
O11 15U D . -3.67 -2.47 -27.45
O21 15U D . -2.76 -4.34 -28.13
C71 15U D . -3.40 -0.84 -32.05
#